data_7DT3
#
_entry.id   7DT3
#
_cell.length_a   42.029
_cell.length_b   85.773
_cell.length_c   63.708
_cell.angle_alpha   90.00
_cell.angle_beta   90.00
_cell.angle_gamma   90.00
#
_symmetry.space_group_name_H-M   'P 21 21 2'
#
loop_
_entity.id
_entity.type
_entity.pdbx_description
1 polymer Transthyretin
2 non-polymer 'CALCIUM ION'
3 non-polymer '4-chloranyl-9,10-bis(oxidanylidene)anthracene-2-carboxylic acid'
4 water water
#
_entity_poly.entity_id   1
_entity_poly.type   'polypeptide(L)'
_entity_poly.pdbx_seq_one_letter_code
;MRGSHHHHHHGSMASHRLLLLCLAGLVFVSEAGPTGTGESKCPLMVKVLDAVRGSPAINVAVHVFRKAADDTWEPFASGK
TSESGELHGLTTEEEFVEGIYKVEIDTKSYWKALGISPFHEHAEVVFTANDSGPRRYTIAALLSPYSYSTTAVVTNPKE
;
_entity_poly.pdbx_strand_id   A,B
#
loop_
_chem_comp.id
_chem_comp.type
_chem_comp.name
_chem_comp.formula
CA non-polymer 'CALCIUM ION' 'Ca 2'
HG6 non-polymer '4-chloranyl-9,10-bis(oxidanylidene)anthracene-2-carboxylic acid' 'C15 H7 Cl O4'
#
# COMPACT_ATOMS: atom_id res chain seq x y z
N PRO A 43 -2.82 -10.82 18.52
CA PRO A 43 -1.61 -10.94 17.70
C PRO A 43 -1.56 -10.02 16.50
N LEU A 44 -2.64 -9.29 16.21
CA LEU A 44 -2.64 -8.36 15.08
C LEU A 44 -3.41 -7.12 15.50
N MET A 45 -2.75 -5.98 15.50
CA MET A 45 -3.33 -4.71 15.88
C MET A 45 -3.01 -3.69 14.79
N VAL A 46 -3.92 -2.75 14.56
CA VAL A 46 -3.73 -1.73 13.56
C VAL A 46 -3.89 -0.37 14.22
N LYS A 47 -2.97 0.55 13.93
CA LYS A 47 -3.02 1.90 14.48
C LYS A 47 -2.89 2.89 13.33
N VAL A 48 -3.73 3.93 13.33
CA VAL A 48 -3.75 4.90 12.25
C VAL A 48 -3.72 6.31 12.82
N LEU A 49 -2.86 7.15 12.24
CA LEU A 49 -2.71 8.55 12.63
C LEU A 49 -3.00 9.44 11.43
N ASP A 50 -3.47 10.65 11.72
CA ASP A 50 -3.80 11.67 10.73
C ASP A 50 -2.73 12.76 10.79
N ALA A 51 -1.98 12.90 9.70
CA ALA A 51 -0.84 13.83 9.63
C ALA A 51 -1.25 15.27 9.33
N VAL A 52 -2.52 15.50 8.98
CA VAL A 52 -3.02 16.85 8.79
C VAL A 52 -3.41 17.45 10.13
N ARG A 53 -4.09 16.68 10.96
CA ARG A 53 -4.59 17.14 12.24
C ARG A 53 -3.63 16.89 13.39
N GLY A 54 -2.69 15.97 13.22
CA GLY A 54 -1.86 15.56 14.35
C GLY A 54 -2.69 14.87 15.39
N SER A 55 -3.44 13.86 14.98
CA SER A 55 -4.41 13.22 15.86
C SER A 55 -4.51 11.77 15.47
N PRO A 56 -5.06 10.94 16.33
CA PRO A 56 -5.48 9.60 15.88
C PRO A 56 -6.48 9.74 14.75
N ALA A 57 -6.45 8.78 13.83
CA ALA A 57 -7.45 8.69 12.77
C ALA A 57 -8.55 7.77 13.29
N ILE A 58 -9.70 8.35 13.61
CA ILE A 58 -10.78 7.65 14.30
C ILE A 58 -11.76 7.11 13.27
N ASN A 59 -12.34 5.94 13.57
CA ASN A 59 -13.39 5.37 12.74
CA ASN A 59 -13.39 5.37 12.74
C ASN A 59 -12.90 4.98 11.35
N VAL A 60 -11.64 4.55 11.24
CA VAL A 60 -11.09 4.07 9.98
C VAL A 60 -11.45 2.60 9.84
N ALA A 61 -12.12 2.24 8.75
CA ALA A 61 -12.43 0.84 8.50
C ALA A 61 -11.19 0.10 8.03
N VAL A 62 -11.03 -1.13 8.50
CA VAL A 62 -9.89 -1.98 8.18
C VAL A 62 -10.43 -3.37 7.84
N HIS A 63 -10.01 -3.91 6.71
CA HIS A 63 -10.38 -5.25 6.29
C HIS A 63 -9.12 -6.08 6.10
N VAL A 64 -9.08 -7.25 6.73
CA VAL A 64 -7.94 -8.15 6.64
C VAL A 64 -8.37 -9.35 5.80
N PHE A 65 -7.50 -9.73 4.86
CA PHE A 65 -7.71 -10.89 4.01
C PHE A 65 -6.53 -11.83 4.16
N ARG A 66 -6.74 -13.11 3.86
CA ARG A 66 -5.69 -14.12 3.89
C ARG A 66 -5.73 -14.89 2.59
N LYS A 67 -4.56 -15.09 1.98
CA LYS A 67 -4.50 -15.80 0.71
C LYS A 67 -4.91 -17.25 0.91
N ALA A 68 -5.91 -17.69 0.13
CA ALA A 68 -6.42 -19.05 0.22
C ALA A 68 -5.59 -19.99 -0.64
N ALA A 69 -5.90 -21.29 -0.51
CA ALA A 69 -5.18 -22.31 -1.26
C ALA A 69 -5.31 -22.12 -2.76
N ASP A 70 -6.42 -21.53 -3.21
CA ASP A 70 -6.62 -21.27 -4.63
C ASP A 70 -6.06 -19.91 -5.07
N ASP A 71 -5.25 -19.28 -4.24
CA ASP A 71 -4.53 -18.04 -4.53
C ASP A 71 -5.43 -16.80 -4.54
N THR A 72 -6.65 -16.90 -4.03
CA THR A 72 -7.53 -15.75 -3.93
C THR A 72 -7.50 -15.18 -2.50
N TRP A 73 -7.97 -13.95 -2.36
CA TRP A 73 -7.96 -13.27 -1.08
C TRP A 73 -9.26 -13.61 -0.34
N GLU A 74 -9.15 -14.39 0.71
CA GLU A 74 -10.34 -14.72 1.48
C GLU A 74 -10.50 -13.74 2.64
N PRO A 75 -11.71 -13.29 2.92
CA PRO A 75 -11.92 -12.41 4.08
C PRO A 75 -11.48 -13.13 5.35
N PHE A 76 -10.78 -12.38 6.20
CA PHE A 76 -10.22 -12.93 7.43
C PHE A 76 -10.76 -12.26 8.68
N ALA A 77 -10.78 -10.93 8.72
CA ALA A 77 -11.29 -10.17 9.86
C ALA A 77 -11.47 -8.73 9.42
N SER A 78 -12.28 -7.98 10.18
CA SER A 78 -12.41 -6.56 9.90
C SER A 78 -12.84 -5.83 11.16
N GLY A 79 -12.66 -4.52 11.15
CA GLY A 79 -13.03 -3.69 12.28
C GLY A 79 -12.80 -2.23 11.94
N LYS A 80 -12.93 -1.38 12.96
CA LYS A 80 -12.70 0.05 12.77
C LYS A 80 -11.86 0.60 13.91
N THR A 81 -11.06 1.61 13.61
CA THR A 81 -10.25 2.21 14.68
C THR A 81 -11.13 2.97 15.66
N SER A 82 -10.71 2.93 16.92
CA SER A 82 -11.39 3.60 18.02
C SER A 82 -10.95 5.06 18.11
N GLU A 83 -11.37 5.71 19.18
CA GLU A 83 -11.02 7.10 19.44
CA GLU A 83 -11.02 7.11 19.41
C GLU A 83 -9.52 7.31 19.60
N SER A 84 -8.78 6.26 19.94
CA SER A 84 -7.34 6.32 20.06
C SER A 84 -6.64 6.04 18.74
N GLY A 85 -7.38 5.78 17.67
CA GLY A 85 -6.77 5.41 16.41
C GLY A 85 -6.35 3.97 16.33
N GLU A 86 -6.69 3.16 17.33
CA GLU A 86 -6.23 1.78 17.40
C GLU A 86 -7.40 0.83 17.17
N LEU A 87 -7.07 -0.30 16.56
CA LEU A 87 -8.04 -1.36 16.30
C LEU A 87 -7.49 -2.62 16.95
N HIS A 88 -8.12 -3.04 18.03
CA HIS A 88 -7.78 -4.24 18.77
C HIS A 88 -8.84 -5.31 18.53
N GLY A 89 -8.48 -6.55 18.83
CA GLY A 89 -9.44 -7.64 18.80
C GLY A 89 -9.81 -8.17 17.44
N LEU A 90 -9.03 -7.88 16.41
CA LEU A 90 -9.32 -8.40 15.07
C LEU A 90 -9.37 -9.92 15.05
N THR A 91 -8.44 -10.57 15.74
CA THR A 91 -8.31 -12.01 15.60
C THR A 91 -7.81 -12.60 16.92
N THR A 92 -7.61 -13.92 16.91
CA THR A 92 -7.16 -14.65 18.06
C THR A 92 -5.90 -15.42 17.69
N GLU A 93 -5.19 -15.89 18.71
CA GLU A 93 -4.00 -16.70 18.47
C GLU A 93 -4.36 -17.97 17.69
N GLU A 94 -5.53 -18.55 17.96
CA GLU A 94 -5.92 -19.76 17.26
C GLU A 94 -6.20 -19.49 15.78
N GLU A 95 -6.90 -18.40 15.49
CA GLU A 95 -7.33 -18.11 14.12
CA GLU A 95 -7.32 -18.16 14.11
C GLU A 95 -6.19 -17.60 13.25
N PHE A 96 -5.23 -16.90 13.86
CA PHE A 96 -4.19 -16.19 13.11
C PHE A 96 -3.02 -17.13 12.81
N VAL A 97 -3.26 -18.03 11.87
CA VAL A 97 -2.30 -19.05 11.45
C VAL A 97 -1.28 -18.46 10.49
N GLU A 98 -0.27 -19.25 10.14
CA GLU A 98 0.62 -18.84 9.06
C GLU A 98 -0.18 -18.50 7.81
N GLY A 99 0.34 -17.58 7.03
CA GLY A 99 -0.27 -17.26 5.76
C GLY A 99 0.26 -15.95 5.24
N ILE A 100 -0.22 -15.61 4.05
CA ILE A 100 -0.01 -14.29 3.48
C ILE A 100 -1.27 -13.48 3.73
N TYR A 101 -1.12 -12.36 4.41
CA TYR A 101 -2.22 -11.51 4.82
C TYR A 101 -2.15 -10.17 4.11
N LYS A 102 -3.33 -9.61 3.86
CA LYS A 102 -3.48 -8.27 3.29
C LYS A 102 -4.34 -7.47 4.25
N VAL A 103 -3.79 -6.37 4.75
CA VAL A 103 -4.51 -5.44 5.61
C VAL A 103 -4.85 -4.24 4.74
N GLU A 104 -6.15 -4.06 4.47
CA GLU A 104 -6.65 -2.96 3.67
C GLU A 104 -7.20 -1.91 4.63
N ILE A 105 -6.61 -0.71 4.59
CA ILE A 105 -7.01 0.39 5.45
C ILE A 105 -7.77 1.37 4.56
N ASP A 106 -9.04 1.61 4.90
CA ASP A 106 -9.95 2.33 4.00
C ASP A 106 -9.78 3.84 4.14
N THR A 107 -8.67 4.32 3.58
CA THR A 107 -8.28 5.72 3.73
C THR A 107 -9.23 6.65 2.96
N LYS A 108 -9.70 6.23 1.79
CA LYS A 108 -10.57 7.13 1.04
C LYS A 108 -11.86 7.38 1.80
N SER A 109 -12.45 6.33 2.39
CA SER A 109 -13.66 6.50 3.17
C SER A 109 -13.41 7.42 4.36
N TYR A 110 -12.24 7.31 4.99
CA TYR A 110 -11.89 8.18 6.11
C TYR A 110 -11.86 9.64 5.69
N TRP A 111 -11.12 9.95 4.62
CA TRP A 111 -11.02 11.34 4.18
C TRP A 111 -12.36 11.87 3.72
N LYS A 112 -13.12 11.08 2.98
CA LYS A 112 -14.41 11.54 2.48
C LYS A 112 -15.36 11.88 3.62
N ALA A 113 -15.33 11.11 4.71
CA ALA A 113 -16.17 11.41 5.87
C ALA A 113 -15.76 12.72 6.53
N LEU A 114 -14.52 13.16 6.33
CA LEU A 114 -14.05 14.46 6.79
C LEU A 114 -14.23 15.55 5.75
N GLY A 115 -14.85 15.24 4.61
CA GLY A 115 -15.11 16.24 3.60
C GLY A 115 -13.97 16.49 2.64
N ILE A 116 -13.01 15.57 2.55
CA ILE A 116 -11.79 15.72 1.76
C ILE A 116 -11.80 14.69 0.64
N SER A 117 -11.35 15.10 -0.56
CA SER A 117 -11.18 14.20 -1.70
CA SER A 117 -11.19 14.19 -1.69
C SER A 117 -9.74 13.74 -1.77
N PRO A 118 -9.40 12.53 -1.35
CA PRO A 118 -7.99 12.11 -1.32
C PRO A 118 -7.57 11.41 -2.59
N PHE A 119 -6.29 11.09 -2.67
CA PHE A 119 -5.77 10.45 -3.88
C PHE A 119 -5.99 8.94 -3.90
N HIS A 120 -5.65 8.25 -2.81
CA HIS A 120 -5.62 6.80 -2.80
C HIS A 120 -6.98 6.23 -2.48
N GLU A 121 -7.23 5.01 -2.97
CA GLU A 121 -8.44 4.29 -2.59
C GLU A 121 -8.33 3.74 -1.19
N HIS A 122 -7.19 3.13 -0.88
CA HIS A 122 -6.97 2.54 0.43
C HIS A 122 -5.47 2.25 0.48
N ALA A 123 -4.98 1.96 1.68
CA ALA A 123 -3.63 1.46 1.85
C ALA A 123 -3.72 -0.07 1.96
N GLU A 124 -2.77 -0.76 1.33
CA GLU A 124 -2.79 -2.23 1.27
C GLU A 124 -1.46 -2.77 1.77
N VAL A 125 -1.46 -3.39 2.94
CA VAL A 125 -0.25 -3.87 3.59
C VAL A 125 -0.25 -5.39 3.47
N VAL A 126 0.72 -5.95 2.73
CA VAL A 126 0.72 -7.37 2.40
C VAL A 126 1.99 -8.00 2.93
N PHE A 127 1.85 -9.08 3.70
CA PHE A 127 3.00 -9.67 4.38
C PHE A 127 2.72 -11.13 4.73
N THR A 128 3.79 -11.91 4.80
CA THR A 128 3.73 -13.28 5.31
C THR A 128 3.85 -13.23 6.82
N ALA A 129 2.91 -13.88 7.51
CA ALA A 129 2.86 -13.85 8.96
C ALA A 129 3.18 -15.23 9.54
N ASN A 130 3.85 -15.21 10.69
CA ASN A 130 4.04 -16.37 11.56
C ASN A 130 4.91 -17.46 10.92
N ASP A 131 5.74 -17.13 9.93
CA ASP A 131 6.47 -18.17 9.22
C ASP A 131 7.48 -18.89 10.11
N SER A 132 8.01 -18.20 11.13
CA SER A 132 8.92 -18.80 12.09
C SER A 132 8.27 -18.89 13.48
N GLY A 133 6.98 -19.16 13.51
CA GLY A 133 6.24 -19.24 14.75
C GLY A 133 5.43 -17.99 14.98
N PRO A 134 4.52 -18.03 15.95
CA PRO A 134 3.65 -16.88 16.19
C PRO A 134 4.43 -15.62 16.56
N ARG A 135 4.00 -14.50 15.98
CA ARG A 135 4.49 -13.19 16.37
C ARG A 135 3.29 -12.28 16.60
N ARG A 136 3.54 -11.17 17.28
CA ARG A 136 2.57 -10.10 17.44
C ARG A 136 2.92 -8.98 16.46
N TYR A 137 1.93 -8.57 15.67
CA TYR A 137 2.11 -7.59 14.61
C TYR A 137 1.30 -6.35 14.92
N THR A 138 1.96 -5.20 14.90
CA THR A 138 1.27 -3.92 14.87
C THR A 138 1.52 -3.30 13.50
N ILE A 139 0.44 -3.05 12.77
CA ILE A 139 0.50 -2.38 11.48
C ILE A 139 0.08 -0.94 11.72
N ALA A 140 1.00 -0.01 11.54
CA ALA A 140 0.74 1.40 11.76
C ALA A 140 0.67 2.10 10.40
N ALA A 141 -0.18 3.12 10.33
CA ALA A 141 -0.29 3.92 9.12
C ALA A 141 -0.45 5.39 9.49
N LEU A 142 0.22 6.25 8.72
CA LEU A 142 0.18 7.70 8.91
C LEU A 142 -0.37 8.30 7.62
N LEU A 143 -1.48 9.03 7.72
CA LEU A 143 -2.26 9.42 6.54
C LEU A 143 -2.21 10.91 6.25
N SER A 144 -2.02 11.25 4.98
CA SER A 144 -2.27 12.57 4.43
C SER A 144 -3.08 12.40 3.16
N PRO A 145 -3.72 13.46 2.66
CA PRO A 145 -4.61 13.26 1.51
C PRO A 145 -3.94 12.68 0.27
N TYR A 146 -2.68 12.99 0.00
CA TYR A 146 -1.98 12.50 -1.18
C TYR A 146 -0.79 11.60 -0.83
N SER A 147 -0.72 11.09 0.40
CA SER A 147 0.46 10.34 0.80
C SER A 147 0.12 9.54 2.04
N TYR A 148 0.77 8.39 2.20
CA TYR A 148 0.72 7.70 3.47
C TYR A 148 1.99 6.90 3.68
N SER A 149 2.25 6.58 4.92
CA SER A 149 3.32 5.66 5.25
CA SER A 149 3.33 5.71 5.32
C SER A 149 2.74 4.55 6.11
N THR A 150 3.39 3.39 6.04
CA THR A 150 2.99 2.26 6.85
C THR A 150 4.23 1.57 7.38
N THR A 151 4.16 1.14 8.63
CA THR A 151 5.27 0.49 9.30
C THR A 151 4.72 -0.71 10.05
N ALA A 152 5.54 -1.75 10.14
CA ALA A 152 5.20 -2.92 10.94
C ALA A 152 6.12 -3.00 12.14
N VAL A 153 5.54 -3.19 13.31
CA VAL A 153 6.28 -3.49 14.52
C VAL A 153 5.95 -4.93 14.89
N VAL A 154 6.97 -5.79 14.88
CA VAL A 154 6.80 -7.23 15.05
C VAL A 154 7.54 -7.62 16.33
N THR A 155 6.84 -8.27 17.25
CA THR A 155 7.43 -8.67 18.52
C THR A 155 7.15 -10.14 18.78
N ASN A 156 7.96 -10.73 19.66
CA ASN A 156 7.80 -12.14 20.00
C ASN A 156 7.16 -12.29 21.37
N CYS B 42 4.23 10.81 -21.48
CA CYS B 42 3.71 9.76 -20.63
C CYS B 42 3.10 10.31 -19.34
N PRO B 43 1.85 9.94 -19.06
CA PRO B 43 1.12 10.53 -17.94
C PRO B 43 1.32 9.84 -16.60
N LEU B 44 2.11 8.76 -16.53
CA LEU B 44 2.28 7.99 -15.29
C LEU B 44 3.73 7.58 -15.17
N MET B 45 4.40 8.03 -14.11
CA MET B 45 5.78 7.65 -13.85
C MET B 45 5.85 7.13 -12.42
N VAL B 46 6.81 6.24 -12.16
CA VAL B 46 7.03 5.67 -10.84
C VAL B 46 8.48 5.93 -10.45
N LYS B 47 8.68 6.38 -9.21
CA LYS B 47 10.01 6.67 -8.68
C LYS B 47 10.14 5.97 -7.34
N VAL B 48 11.28 5.31 -7.11
CA VAL B 48 11.48 4.52 -5.91
C VAL B 48 12.83 4.84 -5.30
N LEU B 49 12.85 5.10 -3.98
CA LEU B 49 14.06 5.40 -3.22
C LEU B 49 14.25 4.37 -2.13
N ASP B 50 15.51 4.20 -1.73
CA ASP B 50 15.94 3.24 -0.71
C ASP B 50 16.42 4.03 0.49
N ALA B 51 15.69 3.92 1.60
CA ALA B 51 15.95 4.68 2.83
C ALA B 51 17.08 4.09 3.67
N VAL B 52 17.50 2.86 3.39
CA VAL B 52 18.59 2.24 4.14
C VAL B 52 19.92 2.65 3.55
N ARG B 53 20.04 2.62 2.24
CA ARG B 53 21.28 2.91 1.56
C ARG B 53 21.39 4.35 1.09
N GLY B 54 20.28 5.10 1.14
CA GLY B 54 20.29 6.48 0.69
C GLY B 54 20.55 6.58 -0.79
N SER B 55 19.75 5.87 -1.58
CA SER B 55 20.04 5.73 -3.00
C SER B 55 18.73 5.57 -3.74
N PRO B 56 18.73 5.79 -5.05
CA PRO B 56 17.61 5.29 -5.86
C PRO B 56 17.51 3.78 -5.68
N ALA B 57 16.29 3.27 -5.76
CA ALA B 57 16.08 1.83 -5.74
C ALA B 57 16.09 1.33 -7.18
N ILE B 58 17.18 0.66 -7.55
CA ILE B 58 17.48 0.33 -8.94
C ILE B 58 17.01 -1.09 -9.23
N ASN B 59 16.49 -1.31 -10.44
CA ASN B 59 16.12 -2.65 -10.88
C ASN B 59 14.97 -3.24 -10.06
N VAL B 60 14.06 -2.40 -9.59
CA VAL B 60 12.87 -2.86 -8.88
C VAL B 60 11.78 -3.13 -9.91
N ALA B 61 11.17 -4.32 -9.84
CA ALA B 61 10.04 -4.62 -10.71
C ALA B 61 8.78 -3.91 -10.24
N VAL B 62 8.06 -3.33 -11.20
CA VAL B 62 6.85 -2.56 -10.95
C VAL B 62 5.79 -3.05 -11.92
N HIS B 63 4.63 -3.39 -11.40
CA HIS B 63 3.50 -3.81 -12.22
C HIS B 63 2.32 -2.90 -11.97
N VAL B 64 1.71 -2.42 -13.05
CA VAL B 64 0.52 -1.58 -12.98
C VAL B 64 -0.65 -2.40 -13.50
N PHE B 65 -1.77 -2.31 -12.78
CA PHE B 65 -3.00 -2.99 -13.14
C PHE B 65 -4.12 -1.98 -13.18
N ARG B 66 -5.12 -2.25 -14.00
CA ARG B 66 -6.33 -1.45 -14.05
CA ARG B 66 -6.33 -1.45 -14.05
C ARG B 66 -7.50 -2.33 -13.64
N LYS B 67 -8.39 -1.77 -12.82
CA LYS B 67 -9.52 -2.55 -12.33
C LYS B 67 -10.54 -2.75 -13.45
N ALA B 68 -10.93 -4.00 -13.67
CA ALA B 68 -11.88 -4.35 -14.71
C ALA B 68 -13.30 -4.29 -14.18
N ALA B 69 -14.26 -4.44 -15.11
CA ALA B 69 -15.67 -4.33 -14.76
C ALA B 69 -16.09 -5.39 -13.75
N ASP B 70 -15.45 -6.56 -13.76
CA ASP B 70 -15.77 -7.63 -12.82
C ASP B 70 -14.94 -7.53 -11.54
N ASP B 71 -14.32 -6.38 -11.27
CA ASP B 71 -13.55 -6.09 -10.07
C ASP B 71 -12.20 -6.79 -10.01
N THR B 72 -11.80 -7.49 -11.06
CA THR B 72 -10.47 -8.09 -11.08
C THR B 72 -9.44 -7.06 -11.57
N TRP B 73 -8.18 -7.35 -11.31
CA TRP B 73 -7.08 -6.48 -11.68
C TRP B 73 -6.46 -6.99 -12.97
N GLU B 74 -6.53 -6.17 -14.03
N GLU B 74 -6.55 -6.19 -14.03
CA GLU B 74 -5.98 -6.58 -15.32
CA GLU B 74 -5.93 -6.71 -15.23
C GLU B 74 -4.60 -5.96 -15.51
C GLU B 74 -4.63 -5.99 -15.53
N PRO B 75 -3.60 -6.73 -15.94
CA PRO B 75 -2.31 -6.10 -16.26
C PRO B 75 -2.46 -4.96 -17.25
N PHE B 76 -1.76 -3.87 -16.96
CA PHE B 76 -1.84 -2.64 -17.72
C PHE B 76 -0.48 -2.18 -18.24
N ALA B 77 0.56 -2.25 -17.41
CA ALA B 77 1.91 -1.85 -17.81
C ALA B 77 2.87 -2.38 -16.75
N SER B 78 4.15 -2.51 -17.11
CA SER B 78 5.14 -2.93 -16.12
C SER B 78 6.54 -2.60 -16.63
N GLY B 79 7.50 -2.70 -15.73
CA GLY B 79 8.89 -2.44 -16.08
C GLY B 79 9.76 -2.56 -14.86
N LYS B 80 11.03 -2.19 -15.01
CA LYS B 80 11.97 -2.16 -13.90
C LYS B 80 12.54 -0.76 -13.76
N THR B 81 12.73 -0.31 -12.52
CA THR B 81 13.29 1.01 -12.34
C THR B 81 14.72 1.08 -12.87
N SER B 82 15.08 2.26 -13.37
CA SER B 82 16.39 2.55 -13.94
C SER B 82 17.41 2.80 -12.84
N GLU B 83 18.63 3.15 -13.26
CA GLU B 83 19.66 3.52 -12.31
C GLU B 83 19.31 4.76 -11.50
N SER B 84 18.35 5.56 -11.96
CA SER B 84 17.88 6.72 -11.19
C SER B 84 16.70 6.37 -10.30
N GLY B 85 16.30 5.10 -10.25
CA GLY B 85 15.14 4.70 -9.49
C GLY B 85 13.82 5.03 -10.16
N GLU B 86 13.83 5.43 -11.42
CA GLU B 86 12.64 5.90 -12.10
C GLU B 86 12.22 4.91 -13.16
N LEU B 87 10.93 4.87 -13.42
CA LEU B 87 10.37 4.02 -14.47
C LEU B 87 9.49 4.91 -15.33
N HIS B 88 9.99 5.22 -16.53
CA HIS B 88 9.33 6.06 -17.51
C HIS B 88 8.76 5.20 -18.63
N GLY B 89 7.87 5.81 -19.40
CA GLY B 89 7.33 5.15 -20.59
C GLY B 89 6.35 4.04 -20.32
N LEU B 90 5.74 3.99 -19.14
CA LEU B 90 4.80 2.93 -18.82
C LEU B 90 3.58 2.96 -19.72
N THR B 91 3.07 4.14 -20.06
CA THR B 91 1.83 4.22 -20.79
C THR B 91 1.83 5.46 -21.67
N THR B 92 0.73 5.66 -22.38
CA THR B 92 0.54 6.82 -23.23
C THR B 92 -0.73 7.53 -22.80
N GLU B 93 -0.86 8.78 -23.25
CA GLU B 93 -2.09 9.53 -22.97
C GLU B 93 -3.32 8.77 -23.45
N GLU B 94 -3.23 8.16 -24.64
CA GLU B 94 -4.40 7.47 -25.19
C GLU B 94 -4.79 6.26 -24.37
N GLU B 95 -3.81 5.54 -23.82
CA GLU B 95 -4.10 4.32 -23.08
C GLU B 95 -4.57 4.59 -21.65
N PHE B 96 -4.15 5.70 -21.06
CA PHE B 96 -4.33 5.93 -19.62
C PHE B 96 -5.63 6.67 -19.35
N VAL B 97 -6.73 5.92 -19.38
CA VAL B 97 -8.06 6.47 -19.19
C VAL B 97 -8.42 6.52 -17.71
N GLU B 98 -9.47 7.25 -17.37
CA GLU B 98 -9.96 7.25 -15.99
C GLU B 98 -10.25 5.83 -15.56
N GLY B 99 -10.08 5.58 -14.28
CA GLY B 99 -10.32 4.27 -13.72
C GLY B 99 -9.53 4.13 -12.44
N ILE B 100 -9.61 2.94 -11.86
CA ILE B 100 -8.87 2.61 -10.65
C ILE B 100 -7.66 1.79 -11.07
N TYR B 101 -6.49 2.22 -10.61
CA TYR B 101 -5.23 1.58 -10.94
C TYR B 101 -4.53 1.11 -9.68
N LYS B 102 -3.77 0.04 -9.82
CA LYS B 102 -2.93 -0.48 -8.75
C LYS B 102 -1.50 -0.55 -9.25
N VAL B 103 -0.57 0.05 -8.50
CA VAL B 103 0.85 -0.07 -8.76
C VAL B 103 1.44 -0.98 -7.70
N GLU B 104 1.98 -2.12 -8.14
CA GLU B 104 2.60 -3.08 -7.24
CA GLU B 104 2.60 -3.10 -7.26
C GLU B 104 4.10 -3.02 -7.44
N ILE B 105 4.82 -2.70 -6.37
CA ILE B 105 6.27 -2.56 -6.38
C ILE B 105 6.85 -3.78 -5.67
N ASP B 106 7.70 -4.54 -6.36
CA ASP B 106 8.19 -5.81 -5.81
CA ASP B 106 8.19 -5.80 -5.81
C ASP B 106 9.35 -5.54 -4.86
N THR B 107 8.99 -5.07 -3.67
CA THR B 107 9.97 -4.70 -2.67
C THR B 107 10.69 -5.91 -2.09
N LYS B 108 9.99 -7.04 -1.94
CA LYS B 108 10.63 -8.20 -1.33
C LYS B 108 11.83 -8.65 -2.15
N SER B 109 11.66 -8.74 -3.48
CA SER B 109 12.78 -9.13 -4.33
C SER B 109 13.89 -8.10 -4.32
N TYR B 110 13.55 -6.82 -4.22
CA TYR B 110 14.57 -5.79 -4.12
C TYR B 110 15.45 -5.99 -2.89
N TRP B 111 14.82 -6.14 -1.71
CA TRP B 111 15.61 -6.31 -0.49
C TRP B 111 16.40 -7.59 -0.53
N LYS B 112 15.82 -8.67 -1.06
CA LYS B 112 16.55 -9.92 -1.12
C LYS B 112 17.79 -9.80 -2.01
N ALA B 113 17.70 -9.05 -3.11
CA ALA B 113 18.88 -8.87 -3.95
C ALA B 113 19.98 -8.09 -3.25
N LEU B 114 19.64 -7.28 -2.25
CA LEU B 114 20.60 -6.55 -1.45
C LEU B 114 21.04 -7.30 -0.19
N GLY B 115 20.48 -8.48 0.07
CA GLY B 115 20.85 -9.25 1.24
C GLY B 115 20.23 -8.76 2.53
N ILE B 116 19.08 -8.09 2.45
CA ILE B 116 18.43 -7.46 3.60
C ILE B 116 17.08 -8.11 3.81
N SER B 117 16.75 -8.41 5.07
CA SER B 117 15.52 -9.14 5.41
C SER B 117 14.30 -8.22 5.39
N PRO B 118 13.32 -8.47 4.51
CA PRO B 118 12.16 -7.59 4.39
C PRO B 118 10.90 -8.08 5.09
N PHE B 119 9.97 -7.17 5.35
CA PHE B 119 8.67 -7.51 5.93
C PHE B 119 7.59 -7.76 4.88
N HIS B 120 7.41 -6.82 3.95
CA HIS B 120 6.27 -6.86 3.06
C HIS B 120 6.54 -7.79 1.87
N GLU B 121 5.46 -8.35 1.32
CA GLU B 121 5.56 -9.04 0.04
C GLU B 121 5.82 -8.06 -1.10
N HIS B 122 5.15 -6.92 -1.06
CA HIS B 122 5.29 -5.88 -2.07
C HIS B 122 4.65 -4.64 -1.47
N ALA B 123 4.88 -3.51 -2.11
CA ALA B 123 4.18 -2.28 -1.79
C ALA B 123 3.11 -2.07 -2.84
N GLU B 124 1.92 -1.70 -2.40
CA GLU B 124 0.77 -1.57 -3.28
C GLU B 124 0.22 -0.16 -3.19
N VAL B 125 0.01 0.48 -4.33
CA VAL B 125 -0.53 1.83 -4.38
C VAL B 125 -1.77 1.80 -5.26
N VAL B 126 -2.93 2.11 -4.68
CA VAL B 126 -4.21 1.98 -5.38
C VAL B 126 -4.86 3.35 -5.41
N PHE B 127 -5.25 3.81 -6.60
CA PHE B 127 -5.74 5.17 -6.76
C PHE B 127 -6.67 5.26 -7.94
N THR B 128 -7.50 6.30 -7.96
CA THR B 128 -8.35 6.61 -9.10
C THR B 128 -7.69 7.69 -9.94
N ALA B 129 -7.60 7.45 -11.24
CA ALA B 129 -7.21 8.48 -12.18
C ALA B 129 -8.46 9.25 -12.57
N ASN B 130 -8.40 10.58 -12.44
CA ASN B 130 -9.54 11.44 -12.73
C ASN B 130 -9.09 12.54 -13.68
N ASP B 131 -9.86 12.74 -14.74
CA ASP B 131 -9.53 13.74 -15.76
C ASP B 131 -9.99 15.12 -15.28
N SER B 132 -9.14 15.79 -14.51
CA SER B 132 -9.37 17.18 -14.11
C SER B 132 -8.33 18.04 -14.81
N GLY B 133 -8.62 18.38 -16.06
CA GLY B 133 -7.66 19.08 -16.89
C GLY B 133 -6.42 18.26 -17.14
N PRO B 134 -5.39 18.89 -17.72
CA PRO B 134 -4.16 18.15 -18.04
C PRO B 134 -3.44 17.75 -16.76
N ARG B 135 -3.11 16.46 -16.65
CA ARG B 135 -2.49 15.93 -15.45
C ARG B 135 -1.41 14.92 -15.79
N ARG B 136 -0.31 14.98 -15.04
CA ARG B 136 0.72 13.95 -15.04
C ARG B 136 0.85 13.44 -13.61
N TYR B 137 0.96 12.12 -13.47
CA TYR B 137 1.00 11.46 -12.17
C TYR B 137 2.38 10.86 -11.96
N THR B 138 3.00 11.19 -10.82
CA THR B 138 4.20 10.50 -10.36
C THR B 138 3.84 9.79 -9.08
N ILE B 139 4.02 8.47 -9.07
CA ILE B 139 3.85 7.65 -7.88
C ILE B 139 5.25 7.43 -7.32
N ALA B 140 5.52 8.02 -6.15
CA ALA B 140 6.82 7.92 -5.52
C ALA B 140 6.70 6.99 -4.31
N ALA B 141 7.74 6.19 -4.08
CA ALA B 141 7.78 5.30 -2.93
C ALA B 141 9.16 5.35 -2.31
N LEU B 142 9.20 5.38 -0.97
CA LEU B 142 10.42 5.38 -0.19
C LEU B 142 10.40 4.10 0.63
N LEU B 143 11.41 3.26 0.45
CA LEU B 143 11.40 1.90 0.97
C LEU B 143 12.37 1.71 2.14
N SER B 144 11.87 1.07 3.20
CA SER B 144 12.67 0.49 4.27
C SER B 144 12.24 -0.94 4.46
N PRO B 145 13.03 -1.74 5.17
CA PRO B 145 12.69 -3.16 5.28
C PRO B 145 11.35 -3.44 5.93
N TYR B 146 10.98 -2.68 6.96
CA TYR B 146 9.73 -2.86 7.70
C TYR B 146 8.78 -1.68 7.54
N SER B 147 8.99 -0.82 6.56
CA SER B 147 8.16 0.35 6.39
CA SER B 147 8.12 0.33 6.38
C SER B 147 8.28 0.87 4.97
N TYR B 148 7.22 1.47 4.46
CA TYR B 148 7.34 2.23 3.23
C TYR B 148 6.39 3.41 3.27
N SER B 149 6.72 4.42 2.49
CA SER B 149 5.83 5.54 2.30
CA SER B 149 5.90 5.60 2.30
C SER B 149 5.62 5.76 0.82
N THR B 150 4.47 6.29 0.49
CA THR B 150 4.18 6.59 -0.90
C THR B 150 3.45 7.92 -1.00
N THR B 151 3.80 8.68 -2.03
CA THR B 151 3.18 9.98 -2.25
CA THR B 151 3.18 9.97 -2.26
C THR B 151 2.84 10.08 -3.73
N ALA B 152 1.80 10.82 -4.02
CA ALA B 152 1.39 11.09 -5.39
C ALA B 152 1.72 12.54 -5.69
N VAL B 153 2.48 12.77 -6.74
CA VAL B 153 2.79 14.11 -7.20
C VAL B 153 2.05 14.28 -8.51
N VAL B 154 1.01 15.11 -8.51
CA VAL B 154 0.13 15.28 -9.65
C VAL B 154 0.27 16.71 -10.12
N THR B 155 0.73 16.89 -11.36
CA THR B 155 1.07 18.20 -11.87
C THR B 155 0.40 18.42 -13.21
N ASN B 156 0.33 19.68 -13.61
CA ASN B 156 -0.28 20.07 -14.88
C ASN B 156 0.82 20.21 -15.93
CA CA C . 6.72 -21.84 8.26
CAA HG6 D . 3.46 5.47 12.51
CAB HG6 D . 4.82 5.78 12.53
CAC HG6 D . 2.80 5.33 11.30
CAD HG6 D . 5.51 5.94 11.33
CAE HG6 D . 3.49 5.48 10.11
CAF HG6 D . 4.84 5.79 10.12
CAG HG6 D . 2.78 5.30 13.69
CAH HG6 D . 3.45 5.46 14.90
CAI HG6 D . 5.49 5.92 13.73
CAJ HG6 D . 4.81 5.76 14.94
CAK HG6 D . 2.71 5.27 16.06
CAL HG6 D . 3.32 5.40 17.29
CAM HG6 D . 5.42 5.89 16.20
CAN HG6 D . 4.67 5.71 17.36
CAO HG6 D . 2.52 5.21 18.42
OAP HG6 D . 2.94 4.57 19.39
OAQ HG6 D . 1.35 5.68 18.44
OAS HG6 D . 1.58 5.04 13.69
OAT HG6 D . 6.70 6.20 13.69
CL1 HG6 D . 7.14 6.29 16.38
CA CA E . -14.21 12.27 -13.58
CAA HG6 F . 10.83 12.30 -0.91
CAB HG6 F . 10.54 10.95 -0.81
CAC HG6 F . 10.82 13.10 0.22
CAD HG6 F . 10.24 10.39 0.44
CAE HG6 F . 10.52 12.55 1.45
CAF HG6 F . 10.23 11.20 1.57
CAG HG6 F . 11.13 12.85 -2.15
CAH HG6 F . 11.15 12.05 -3.27
CAI HG6 F . 10.56 10.13 -1.93
CAJ HG6 F . 10.86 10.69 -3.19
CAK HG6 F . 11.45 12.64 -4.49
CAL HG6 F . 11.48 11.88 -5.65
CAM HG6 F . 10.89 9.92 -4.36
CAN HG6 F . 11.19 10.52 -5.58
CAO HG6 F . 11.79 12.46 -6.87
OAP HG6 F . 11.72 13.70 -7.00
OAQ HG6 F . 12.14 11.75 -7.83
OAS HG6 F . 11.38 14.05 -2.24
OAT HG6 F . 10.29 8.94 -1.77
CL1 HG6 F . 10.56 8.24 -4.38
#